data_2PR0
#
_entry.id   2PR0
#
_cell.length_a   100.692
_cell.length_b   25.974
_cell.length_c   68.349
_cell.angle_alpha   90.000
_cell.angle_beta   99.690
_cell.angle_gamma   90.000
#
_symmetry.space_group_name_H-M   'C 1 2 1'
#
loop_
_entity.id
_entity.type
_entity.pdbx_description
1 polymer sylvaticin
2 non-polymer 'NICKEL (II) ION'
3 non-polymer 2-AMINO-2-HYDROXYMETHYL-PROPANE-1,3-DIOL
4 water water
#
_entity_poly.entity_id   1
_entity_poly.type   'polypeptide(L)'
_entity_poly.pdbx_seq_one_letter_code
;WEETKECAFTEFFKLAPLASNPALSVCQDASGWQMLPPAGYPTPEQLKLMCGTAECFTLIDAIKALNPNDCILVFGDVRL
NVKKLVTEFEPSCF
;
_entity_poly.pdbx_strand_id   A,B
#
loop_
_chem_comp.id
_chem_comp.type
_chem_comp.name
_chem_comp.formula
NI non-polymer 'NICKEL (II) ION' 'Ni 2'
TRS non-polymer 2-AMINO-2-HYDROXYMETHYL-PROPANE-1,3-DIOL 'C4 H12 N O3 1'
#
# COMPACT_ATOMS: atom_id res chain seq x y z
N TRP A 1 5.09 -4.83 -5.66
CA TRP A 1 4.31 -6.03 -5.87
C TRP A 1 4.84 -6.91 -6.99
N GLU A 2 4.33 -8.16 -6.98
CA GLU A 2 4.69 -9.08 -8.05
C GLU A 2 3.93 -8.67 -9.31
N GLU A 3 4.67 -8.39 -10.39
CA GLU A 3 4.03 -7.92 -11.59
C GLU A 3 4.07 -8.94 -12.72
N THR A 4 4.76 -10.07 -12.56
CA THR A 4 4.92 -11.03 -13.63
C THR A 4 4.48 -12.43 -13.23
N LYS A 5 5.01 -12.93 -12.12
CA LYS A 5 4.71 -14.31 -11.72
C LYS A 5 3.21 -14.56 -11.57
N GLU A 6 2.74 -15.62 -12.24
CA GLU A 6 1.33 -15.93 -12.20
C GLU A 6 0.96 -16.73 -10.96
N CYS A 7 -0.28 -16.48 -10.52
CA CYS A 7 -0.82 -17.25 -9.42
C CYS A 7 -0.97 -18.72 -9.81
N ALA A 8 -0.85 -19.61 -8.83
CA ALA A 8 -1.29 -20.98 -9.02
C ALA A 8 -2.78 -20.99 -9.33
N PHE A 9 -3.26 -21.99 -10.06
CA PHE A 9 -4.68 -21.99 -10.36
C PHE A 9 -5.59 -22.01 -9.15
N THR A 10 -5.12 -22.62 -8.07
CA THR A 10 -5.89 -22.69 -6.82
C THR A 10 -6.29 -21.34 -6.28
N GLU A 11 -5.61 -20.28 -6.72
CA GLU A 11 -5.94 -18.94 -6.23
C GLU A 11 -7.40 -18.61 -6.48
N PHE A 12 -7.98 -19.14 -7.55
CA PHE A 12 -9.40 -18.91 -7.83
C PHE A 12 -10.27 -19.48 -6.73
N PHE A 13 -9.91 -20.67 -6.27
CA PHE A 13 -10.74 -21.30 -5.24
C PHE A 13 -10.65 -20.56 -3.92
N LYS A 14 -9.59 -19.81 -3.67
CA LYS A 14 -9.47 -18.98 -2.47
C LYS A 14 -10.60 -17.94 -2.38
N LEU A 15 -11.12 -17.52 -3.51
CA LEU A 15 -12.17 -16.52 -3.66
C LEU A 15 -13.55 -17.05 -3.33
N ALA A 16 -13.73 -18.37 -3.20
CA ALA A 16 -15.03 -18.98 -2.98
C ALA A 16 -15.87 -18.35 -1.88
N PRO A 17 -15.36 -17.99 -0.71
CA PRO A 17 -16.25 -17.43 0.31
C PRO A 17 -16.92 -16.12 -0.08
N LEU A 18 -16.38 -15.41 -1.07
CA LEU A 18 -17.05 -14.18 -1.50
C LEU A 18 -18.45 -14.47 -2.01
N ALA A 19 -18.68 -15.70 -2.48
CA ALA A 19 -20.00 -16.03 -2.99
C ALA A 19 -21.06 -16.09 -1.90
N SER A 20 -20.63 -16.15 -0.65
CA SER A 20 -21.51 -16.15 0.50
C SER A 20 -21.48 -14.79 1.18
N ASN A 21 -20.90 -13.80 0.53
CA ASN A 21 -20.79 -12.47 1.13
C ASN A 21 -21.75 -11.50 0.45
N PRO A 22 -22.75 -11.04 1.20
CA PRO A 22 -23.75 -10.15 0.59
C PRO A 22 -23.17 -8.83 0.11
N ALA A 23 -21.96 -8.45 0.51
CA ALA A 23 -21.38 -7.20 0.03
C ALA A 23 -20.93 -7.33 -1.43
N LEU A 24 -20.70 -8.56 -1.85
CA LEU A 24 -20.24 -8.84 -3.21
C LEU A 24 -21.21 -8.27 -4.23
N SER A 25 -22.45 -8.74 -4.25
CA SER A 25 -23.35 -8.26 -5.31
C SER A 25 -23.72 -6.79 -5.07
N VAL A 26 -23.78 -6.31 -3.82
CA VAL A 26 -24.07 -4.88 -3.69
C VAL A 26 -22.96 -4.04 -4.34
N CYS A 27 -21.71 -4.44 -4.13
CA CYS A 27 -20.62 -3.58 -4.61
C CYS A 27 -20.55 -3.65 -6.12
N GLN A 28 -20.62 -4.88 -6.63
CA GLN A 28 -20.58 -5.05 -8.08
C GLN A 28 -21.73 -4.34 -8.75
N ASP A 29 -22.94 -4.45 -8.19
CA ASP A 29 -24.03 -3.79 -8.91
C ASP A 29 -23.91 -2.29 -8.86
N ALA A 30 -23.48 -1.74 -7.72
CA ALA A 30 -23.39 -0.30 -7.59
C ALA A 30 -22.30 0.29 -8.46
N SER A 31 -21.20 -0.46 -8.63
CA SER A 31 -20.06 0.17 -9.29
C SER A 31 -19.87 -0.28 -10.73
N GLY A 32 -20.34 -1.46 -11.09
CA GLY A 32 -20.14 -2.04 -12.41
C GLY A 32 -18.86 -2.85 -12.53
N TRP A 33 -18.04 -2.83 -11.50
CA TRP A 33 -16.80 -3.57 -11.34
C TRP A 33 -17.05 -4.98 -10.77
N GLN A 34 -16.45 -5.97 -11.43
CA GLN A 34 -16.66 -7.37 -11.07
C GLN A 34 -15.37 -8.01 -10.56
N MET A 35 -15.44 -8.70 -9.44
CA MET A 35 -14.46 -9.56 -8.82
C MET A 35 -14.72 -11.01 -9.23
N LEU A 36 -15.98 -11.40 -9.34
CA LEU A 36 -16.39 -12.72 -9.76
C LEU A 36 -17.36 -12.61 -10.95
N PRO A 37 -16.96 -12.94 -12.18
CA PRO A 37 -15.59 -13.35 -12.55
C PRO A 37 -14.73 -12.09 -12.52
N PRO A 38 -13.42 -12.20 -12.39
CA PRO A 38 -12.60 -10.99 -12.27
C PRO A 38 -12.59 -10.18 -13.56
N ALA A 39 -12.93 -8.90 -13.47
CA ALA A 39 -12.80 -7.94 -14.55
C ALA A 39 -11.44 -7.24 -14.57
N GLY A 40 -10.63 -7.42 -13.53
CA GLY A 40 -9.35 -6.78 -13.35
C GLY A 40 -9.42 -5.54 -12.48
N TYR A 41 -8.51 -4.58 -12.64
CA TYR A 41 -8.56 -3.36 -11.82
C TYR A 41 -9.72 -2.48 -12.23
N PRO A 42 -10.36 -1.85 -11.24
CA PRO A 42 -11.49 -0.96 -11.54
C PRO A 42 -11.17 0.08 -12.60
N THR A 43 -12.11 0.37 -13.50
CA THR A 43 -11.94 1.52 -14.41
C THR A 43 -12.13 2.80 -13.60
N PRO A 44 -11.71 3.94 -14.13
CA PRO A 44 -11.91 5.19 -13.37
C PRO A 44 -13.32 5.45 -12.92
N GLU A 45 -14.32 5.30 -13.78
CA GLU A 45 -15.68 5.52 -13.29
C GLU A 45 -16.04 4.48 -12.23
N GLN A 46 -15.45 3.29 -12.32
CA GLN A 46 -15.82 2.21 -11.41
C GLN A 46 -15.31 2.56 -10.02
N LEU A 47 -14.08 3.04 -10.06
CA LEU A 47 -13.41 3.31 -8.80
C LEU A 47 -14.15 4.43 -8.09
N LYS A 48 -14.63 5.38 -8.86
CA LYS A 48 -15.35 6.51 -8.22
C LYS A 48 -16.59 5.98 -7.53
N LEU A 49 -17.35 5.11 -8.20
CA LEU A 49 -18.54 4.54 -7.57
C LEU A 49 -18.16 3.66 -6.39
N MET A 50 -17.08 2.91 -6.46
CA MET A 50 -16.75 2.02 -5.35
C MET A 50 -16.41 2.79 -4.09
N CYS A 51 -15.67 3.89 -4.30
CA CYS A 51 -15.18 4.67 -3.17
C CYS A 51 -16.33 5.31 -2.39
N GLY A 52 -17.45 5.52 -3.05
CA GLY A 52 -18.64 6.09 -2.41
C GLY A 52 -19.61 5.05 -1.90
N THR A 53 -19.28 3.76 -2.00
CA THR A 53 -20.16 2.69 -1.55
C THR A 53 -19.57 1.90 -0.38
N ALA A 54 -20.18 1.97 0.79
CA ALA A 54 -19.73 1.28 1.99
C ALA A 54 -19.42 -0.20 1.76
N GLU A 55 -20.32 -0.84 1.02
CA GLU A 55 -20.22 -2.28 0.80
C GLU A 55 -18.99 -2.67 -0.02
N CYS A 56 -18.49 -1.73 -0.80
CA CYS A 56 -17.26 -1.98 -1.55
C CYS A 56 -16.10 -2.02 -0.57
N PHE A 57 -16.08 -1.18 0.45
CA PHE A 57 -15.05 -1.27 1.47
C PHE A 57 -15.14 -2.60 2.19
N THR A 58 -16.38 -2.99 2.47
CA THR A 58 -16.60 -4.27 3.12
C THR A 58 -16.06 -5.41 2.28
N LEU A 59 -16.35 -5.42 0.99
CA LEU A 59 -15.89 -6.48 0.08
C LEU A 59 -14.37 -6.53 0.00
N ILE A 60 -13.77 -5.36 -0.16
CA ILE A 60 -12.31 -5.31 -0.30
C ILE A 60 -11.65 -5.86 0.95
N ASP A 61 -12.18 -5.50 2.12
CA ASP A 61 -11.69 -6.06 3.36
C ASP A 61 -11.92 -7.57 3.44
N ALA A 62 -13.05 -8.01 2.87
CA ALA A 62 -13.37 -9.44 2.86
C ALA A 62 -12.35 -10.21 2.02
N ILE A 63 -11.99 -9.58 0.91
CA ILE A 63 -10.97 -10.18 0.04
C ILE A 63 -9.63 -10.19 0.76
N LYS A 64 -9.30 -9.08 1.44
CA LYS A 64 -8.08 -9.07 2.25
C LYS A 64 -8.05 -10.24 3.22
N ALA A 65 -9.18 -10.56 3.81
CA ALA A 65 -9.30 -11.62 4.79
C ALA A 65 -8.97 -13.01 4.24
N LEU A 66 -9.04 -13.19 2.93
CA LEU A 66 -8.72 -14.43 2.24
C LEU A 66 -7.23 -14.70 2.08
N ASN A 67 -6.41 -13.73 2.51
CA ASN A 67 -4.96 -13.89 2.36
C ASN A 67 -4.56 -14.07 0.91
N PRO A 68 -4.92 -13.14 0.03
CA PRO A 68 -4.56 -13.33 -1.38
C PRO A 68 -3.04 -13.29 -1.53
N ASN A 69 -2.55 -14.11 -2.45
CA ASN A 69 -1.09 -14.13 -2.64
C ASN A 69 -0.64 -13.04 -3.58
N ASP A 70 0.65 -12.74 -3.46
CA ASP A 70 1.31 -11.70 -4.23
C ASP A 70 1.71 -12.27 -5.58
N CYS A 71 0.72 -12.31 -6.47
CA CYS A 71 0.87 -12.91 -7.78
C CYS A 71 -0.17 -12.38 -8.76
N ILE A 72 0.07 -12.60 -10.05
CA ILE A 72 -0.88 -12.19 -11.07
C ILE A 72 -1.92 -13.27 -11.35
N LEU A 73 -3.18 -12.93 -11.11
CA LEU A 73 -4.37 -13.68 -11.43
C LEU A 73 -4.76 -13.41 -12.89
N VAL A 74 -4.81 -14.49 -13.65
CA VAL A 74 -5.03 -14.47 -15.08
C VAL A 74 -6.36 -15.11 -15.42
N PHE A 75 -7.20 -14.35 -16.10
CA PHE A 75 -8.55 -14.80 -16.46
C PHE A 75 -8.77 -14.33 -17.89
N GLY A 76 -8.36 -15.17 -18.84
CA GLY A 76 -8.38 -14.69 -20.23
C GLY A 76 -7.38 -13.56 -20.38
N ASP A 77 -7.82 -12.45 -20.96
CA ASP A 77 -6.93 -11.31 -21.12
C ASP A 77 -6.93 -10.43 -19.88
N VAL A 78 -7.68 -10.79 -18.85
CA VAL A 78 -7.63 -10.07 -17.58
C VAL A 78 -6.43 -10.51 -16.74
N ARG A 79 -5.67 -9.53 -16.28
CA ARG A 79 -4.50 -9.70 -15.45
C ARG A 79 -4.56 -8.75 -14.26
N LEU A 80 -4.52 -9.27 -13.05
CA LEU A 80 -4.38 -8.34 -11.93
C LEU A 80 -3.74 -9.06 -10.75
N ASN A 81 -3.20 -8.22 -9.88
CA ASN A 81 -2.67 -8.71 -8.61
C ASN A 81 -3.69 -8.35 -7.54
N VAL A 82 -4.38 -9.35 -7.01
CA VAL A 82 -5.48 -9.11 -6.07
C VAL A 82 -5.00 -8.54 -4.75
N LYS A 83 -3.82 -9.02 -4.36
CA LYS A 83 -3.20 -8.51 -3.13
C LYS A 83 -2.91 -7.03 -3.27
N LYS A 84 -2.36 -6.61 -4.41
CA LYS A 84 -2.12 -5.20 -4.69
C LYS A 84 -3.41 -4.39 -4.69
N LEU A 85 -4.42 -4.90 -5.38
CA LEU A 85 -5.72 -4.29 -5.49
C LEU A 85 -6.27 -3.99 -4.10
N VAL A 86 -6.29 -4.99 -3.21
CA VAL A 86 -7.00 -4.76 -1.96
C VAL A 86 -6.20 -3.89 -1.01
N THR A 87 -4.89 -3.98 -1.16
CA THR A 87 -4.02 -3.19 -0.27
C THR A 87 -4.07 -1.73 -0.66
N GLU A 88 -4.13 -1.43 -1.96
CA GLU A 88 -4.02 -0.06 -2.40
C GLU A 88 -5.37 0.63 -2.54
N PHE A 89 -6.45 -0.12 -2.37
CA PHE A 89 -7.78 0.43 -2.61
C PHE A 89 -8.11 1.65 -1.75
N GLU A 90 -7.96 1.54 -0.45
CA GLU A 90 -8.39 2.64 0.41
C GLU A 90 -7.65 3.94 0.10
N PRO A 91 -6.33 3.94 0.01
CA PRO A 91 -5.63 5.18 -0.41
C PRO A 91 -6.05 5.64 -1.81
N SER A 92 -6.39 4.68 -2.69
CA SER A 92 -6.82 5.05 -4.04
C SER A 92 -8.08 5.89 -4.00
N CYS A 93 -8.86 5.81 -2.92
CA CYS A 93 -10.08 6.57 -2.80
C CYS A 93 -9.83 7.98 -2.28
N PHE A 94 -8.60 8.27 -1.91
CA PHE A 94 -8.19 9.52 -1.29
C PHE A 94 -7.00 10.13 -2.06
N TRP B 1 -3.68 8.62 -1.10
CA TRP B 1 -2.80 9.34 -0.20
C TRP B 1 -3.02 10.83 -0.33
N GLU B 2 -2.71 11.57 0.74
CA GLU B 2 -2.76 13.03 0.62
C GLU B 2 -1.53 13.45 -0.15
N GLU B 3 -1.68 14.22 -1.21
CA GLU B 3 -0.53 14.53 -2.05
C GLU B 3 -0.11 16.00 -1.94
N THR B 4 -0.92 16.84 -1.30
CA THR B 4 -0.56 18.25 -1.30
C THR B 4 -0.76 18.93 0.05
N LYS B 5 -1.83 18.60 0.77
CA LYS B 5 -2.07 19.20 2.08
C LYS B 5 -0.94 18.93 3.03
N GLU B 6 -0.45 20.00 3.65
CA GLU B 6 0.76 19.91 4.46
C GLU B 6 0.46 19.50 5.90
N CYS B 7 1.33 18.68 6.47
CA CYS B 7 1.23 18.41 7.90
C CYS B 7 1.54 19.69 8.68
N ALA B 8 1.01 19.76 9.89
CA ALA B 8 1.52 20.79 10.81
C ALA B 8 2.98 20.52 11.10
N PHE B 9 3.84 21.53 11.17
CA PHE B 9 5.22 21.29 11.56
C PHE B 9 5.37 20.51 12.85
N THR B 10 4.43 20.60 13.78
CA THR B 10 4.63 19.87 15.03
C THR B 10 4.60 18.37 14.79
N GLU B 11 4.06 17.95 13.65
CA GLU B 11 4.02 16.55 13.22
C GLU B 11 5.42 15.97 13.20
N PHE B 12 6.37 16.86 12.91
CA PHE B 12 7.76 16.50 12.85
C PHE B 12 8.29 15.94 14.16
N PHE B 13 7.76 16.45 15.28
CA PHE B 13 8.34 16.09 16.57
C PHE B 13 8.05 14.66 16.94
N LYS B 14 7.03 14.05 16.32
CA LYS B 14 6.77 12.65 16.64
C LYS B 14 7.90 11.74 16.17
N LEU B 15 8.81 12.24 15.35
CA LEU B 15 9.92 11.45 14.85
C LEU B 15 11.09 11.36 15.82
N ALA B 16 10.99 12.06 16.95
CA ALA B 16 12.10 12.17 17.86
C ALA B 16 12.65 10.84 18.36
N PRO B 17 11.86 9.86 18.76
CA PRO B 17 12.50 8.61 19.21
C PRO B 17 13.40 8.00 18.15
N LEU B 18 13.15 8.26 16.87
CA LEU B 18 14.00 7.61 15.86
C LEU B 18 15.47 7.99 16.01
N ALA B 19 15.76 9.18 16.51
CA ALA B 19 17.13 9.70 16.56
C ALA B 19 18.10 8.84 17.37
N SER B 20 17.54 8.05 18.28
CA SER B 20 18.35 7.14 19.07
C SER B 20 17.90 5.69 18.90
N ASN B 21 17.18 5.42 17.81
CA ASN B 21 16.83 4.04 17.44
C ASN B 21 18.04 3.51 16.71
N PRO B 22 18.61 2.39 17.15
CA PRO B 22 19.84 1.90 16.54
C PRO B 22 19.70 1.60 15.05
N ALA B 23 18.45 1.37 14.64
CA ALA B 23 18.20 1.02 13.25
C ALA B 23 18.44 2.17 12.29
N LEU B 24 18.34 3.39 12.83
CA LEU B 24 18.37 4.57 12.00
C LEU B 24 19.69 4.72 11.24
N SER B 25 20.79 4.86 11.98
CA SER B 25 22.10 5.05 11.34
C SER B 25 22.47 3.88 10.45
N VAL B 26 22.08 2.68 10.88
CA VAL B 26 22.53 1.53 10.11
C VAL B 26 21.76 1.47 8.79
N CYS B 27 20.47 1.78 8.85
CA CYS B 27 19.72 1.75 7.58
C CYS B 27 20.19 2.87 6.68
N GLN B 28 20.40 4.06 7.25
CA GLN B 28 20.84 5.15 6.36
C GLN B 28 22.20 4.89 5.73
N ASP B 29 23.09 4.27 6.50
CA ASP B 29 24.46 4.06 6.07
C ASP B 29 24.51 2.92 5.07
N ALA B 30 23.56 2.01 5.24
CA ALA B 30 23.49 0.86 4.34
C ALA B 30 22.93 1.26 2.99
N SER B 31 21.97 2.19 3.02
CA SER B 31 21.27 2.54 1.77
C SER B 31 21.62 3.87 1.14
N GLY B 32 22.14 4.84 1.87
CA GLY B 32 22.37 6.18 1.39
C GLY B 32 21.15 7.07 1.50
N TRP B 33 20.04 6.49 1.91
CA TRP B 33 18.75 7.15 2.14
C TRP B 33 18.68 7.73 3.55
N GLN B 34 18.30 9.00 3.65
CA GLN B 34 18.25 9.71 4.91
C GLN B 34 16.78 10.03 5.23
N MET B 35 16.37 9.70 6.42
CA MET B 35 15.15 9.94 7.12
C MET B 35 15.29 11.14 8.07
N LEU B 36 16.40 11.30 8.75
CA LEU B 36 16.72 12.44 9.59
C LEU B 36 18.06 13.04 9.20
N PRO B 37 18.16 14.24 8.63
CA PRO B 37 17.07 15.03 8.09
C PRO B 37 16.44 14.29 6.89
N PRO B 38 15.15 14.49 6.70
CA PRO B 38 14.43 13.80 5.62
C PRO B 38 14.96 14.16 4.24
N ALA B 39 15.45 13.17 3.50
CA ALA B 39 15.82 13.49 2.13
C ALA B 39 14.62 13.29 1.20
N GLY B 40 13.52 12.72 1.68
CA GLY B 40 12.40 12.45 0.82
C GLY B 40 12.30 10.98 0.46
N TYR B 41 11.60 10.66 -0.62
CA TYR B 41 11.41 9.26 -1.00
C TYR B 41 12.72 8.66 -1.47
N PRO B 42 12.99 7.40 -1.14
CA PRO B 42 14.26 6.83 -1.59
C PRO B 42 14.32 6.75 -3.12
N THR B 43 15.50 6.94 -3.70
CA THR B 43 15.69 6.65 -5.13
C THR B 43 15.61 5.15 -5.31
N PRO B 44 15.37 4.66 -6.52
CA PRO B 44 15.24 3.22 -6.75
C PRO B 44 16.46 2.42 -6.27
N GLU B 45 17.66 2.99 -6.40
CA GLU B 45 18.88 2.33 -5.93
C GLU B 45 18.96 2.22 -4.41
N GLN B 46 18.70 3.28 -3.66
CA GLN B 46 18.55 3.33 -2.23
C GLN B 46 17.53 2.29 -1.77
N LEU B 47 16.38 2.19 -2.45
CA LEU B 47 15.32 1.26 -2.13
C LEU B 47 15.78 -0.20 -2.20
N LYS B 48 16.50 -0.48 -3.28
CA LYS B 48 17.04 -1.82 -3.46
C LYS B 48 17.91 -2.23 -2.27
N LEU B 49 18.76 -1.30 -1.89
CA LEU B 49 19.67 -1.47 -0.75
C LEU B 49 18.88 -1.56 0.54
N MET B 50 17.91 -0.68 0.72
CA MET B 50 17.05 -0.80 1.88
C MET B 50 16.40 -2.17 2.02
N CYS B 51 15.90 -2.68 0.88
CA CYS B 51 15.13 -3.90 0.82
C CYS B 51 15.97 -5.14 1.17
N GLY B 52 17.29 -4.97 1.20
CA GLY B 52 18.16 -6.08 1.56
C GLY B 52 18.85 -5.87 2.89
N THR B 53 18.42 -4.86 3.66
CA THR B 53 19.01 -4.48 4.94
C THR B 53 17.99 -4.68 6.05
N ALA B 54 18.19 -5.64 6.96
CA ALA B 54 17.11 -5.89 7.90
C ALA B 54 16.85 -4.65 8.78
N GLU B 55 17.89 -3.89 9.02
CA GLU B 55 17.68 -2.72 9.90
C GLU B 55 16.76 -1.69 9.24
N CYS B 56 16.62 -1.71 7.93
CA CYS B 56 15.68 -0.82 7.25
C CYS B 56 14.25 -1.26 7.47
N PHE B 57 13.96 -2.56 7.56
CA PHE B 57 12.60 -2.95 7.93
C PHE B 57 12.35 -2.55 9.39
N THR B 58 13.37 -2.72 10.23
CA THR B 58 13.23 -2.28 11.63
C THR B 58 12.87 -0.80 11.68
N LEU B 59 13.59 0.02 10.96
CA LEU B 59 13.40 1.47 10.96
C LEU B 59 12.02 1.81 10.42
N ILE B 60 11.63 1.24 9.29
CA ILE B 60 10.32 1.57 8.74
C ILE B 60 9.18 1.18 9.67
N ASP B 61 9.37 0.03 10.32
CA ASP B 61 8.37 -0.39 11.30
C ASP B 61 8.31 0.59 12.48
N ALA B 62 9.49 1.04 12.89
CA ALA B 62 9.51 2.00 14.01
C ALA B 62 8.85 3.31 13.61
N ILE B 63 8.99 3.74 12.36
CA ILE B 63 8.26 4.93 11.93
C ILE B 63 6.76 4.71 11.91
N LYS B 64 6.33 3.55 11.42
CA LYS B 64 4.92 3.19 11.39
C LYS B 64 4.32 3.28 12.79
N ALA B 65 5.13 2.83 13.75
CA ALA B 65 4.68 2.74 15.14
C ALA B 65 4.41 4.13 15.74
N LEU B 66 5.03 5.16 15.17
CA LEU B 66 4.79 6.53 15.62
C LEU B 66 3.50 7.10 15.05
N ASN B 67 2.84 6.36 14.20
CA ASN B 67 1.58 6.71 13.58
C ASN B 67 1.61 8.03 12.82
N PRO B 68 2.36 8.07 11.73
CA PRO B 68 2.44 9.27 10.88
C PRO B 68 1.10 9.51 10.20
N ASN B 69 0.73 10.78 10.12
CA ASN B 69 -0.52 11.20 9.49
C ASN B 69 -0.36 11.20 7.97
N ASP B 70 -1.48 11.09 7.31
CA ASP B 70 -1.63 11.15 5.86
C ASP B 70 -1.62 12.61 5.40
N CYS B 71 -0.40 13.11 5.28
CA CYS B 71 -0.15 14.50 4.94
C CYS B 71 1.27 14.70 4.42
N ILE B 72 1.51 15.83 3.76
CA ILE B 72 2.82 16.16 3.26
C ILE B 72 3.66 16.83 4.33
N LEU B 73 4.73 16.15 4.72
CA LEU B 73 5.71 16.73 5.62
C LEU B 73 6.64 17.65 4.83
N VAL B 74 6.70 18.92 5.25
CA VAL B 74 7.58 19.83 4.53
C VAL B 74 8.79 20.12 5.41
N PHE B 75 9.94 19.68 4.95
CA PHE B 75 11.17 19.89 5.70
C PHE B 75 12.15 20.58 4.77
N GLY B 76 12.28 21.91 4.95
CA GLY B 76 13.13 22.66 4.02
C GLY B 76 12.53 22.65 2.63
N ASP B 77 13.29 22.14 1.67
CA ASP B 77 12.76 22.00 0.31
C ASP B 77 12.30 20.58 0.03
N VAL B 78 12.27 19.73 1.06
CA VAL B 78 11.77 18.37 0.90
C VAL B 78 10.35 18.22 1.41
N ARG B 79 9.53 17.46 0.75
CA ARG B 79 8.16 17.10 0.81
C ARG B 79 8.04 15.58 0.56
N LEU B 80 7.41 14.94 1.53
CA LEU B 80 7.10 13.52 1.37
C LEU B 80 5.93 13.23 2.30
N ASN B 81 5.12 12.27 1.90
CA ASN B 81 4.09 11.76 2.80
C ASN B 81 4.67 10.57 3.53
N VAL B 82 4.94 10.72 4.83
CA VAL B 82 5.63 9.64 5.56
C VAL B 82 4.76 8.41 5.71
N LYS B 83 3.45 8.58 5.87
CA LYS B 83 2.54 7.44 5.96
C LYS B 83 2.58 6.66 4.66
N LYS B 84 2.52 7.34 3.52
CA LYS B 84 2.63 6.68 2.22
C LYS B 84 3.94 5.91 2.16
N LEU B 85 5.05 6.58 2.52
CA LEU B 85 6.36 5.95 2.49
C LEU B 85 6.40 4.64 3.25
N VAL B 86 5.96 4.65 4.51
CA VAL B 86 6.13 3.41 5.28
C VAL B 86 5.13 2.35 4.87
N THR B 87 3.97 2.75 4.36
CA THR B 87 2.95 1.77 3.99
C THR B 87 3.36 1.06 2.70
N GLU B 88 3.95 1.82 1.80
CA GLU B 88 4.32 1.33 0.46
C GLU B 88 5.66 0.62 0.44
N PHE B 89 6.42 0.69 1.53
CA PHE B 89 7.79 0.21 1.48
C PHE B 89 7.94 -1.26 1.12
N GLU B 90 7.31 -2.15 1.88
CA GLU B 90 7.61 -3.58 1.67
C GLU B 90 7.20 -4.03 0.28
N PRO B 91 6.00 -3.75 -0.23
CA PRO B 91 5.71 -4.21 -1.60
C PRO B 91 6.66 -3.59 -2.61
N SER B 92 7.23 -2.43 -2.29
CA SER B 92 8.15 -1.74 -3.19
C SER B 92 9.45 -2.54 -3.41
N CYS B 93 9.65 -3.54 -2.57
CA CYS B 93 10.88 -4.30 -2.60
C CYS B 93 10.84 -5.33 -3.73
N PHE B 94 9.63 -5.76 -4.05
CA PHE B 94 9.32 -6.80 -5.02
C PHE B 94 8.50 -6.35 -6.24
NI NI C . 6.42 -4.72 -7.29
C TRS D . 5.13 -1.26 -7.46
C1 TRS D . 7.02 -0.65 -7.55
C2 TRS D . 5.14 -1.45 -6.24
C3 TRS D . 5.58 -2.42 -8.40
N TRS D . 5.03 0.30 -7.50
O1 TRS D . 6.30 0.32 -8.26
O2 TRS D . 5.30 -1.82 -4.90
O3 TRS D . 5.04 -3.70 -8.15
NI NI E . -4.23 9.93 -2.74
C TRS F . -3.71 8.39 -4.88
C1 TRS F . -2.78 7.10 -4.45
C2 TRS F . -2.78 9.43 -5.09
C3 TRS F . -3.93 7.77 -6.46
N TRS F . -3.01 8.42 -3.58
O1 TRS F . -3.61 6.13 -3.83
O2 TRS F . -2.48 9.73 -3.72
O3 TRS F . -5.10 8.37 -6.95
#